data_1RY2
#
_entry.id   1RY2
#
_cell.length_a   107.130
_cell.length_b   107.130
_cell.length_c   54.790
_cell.angle_alpha   90.00
_cell.angle_beta   90.00
_cell.angle_gamma   120.00
#
_symmetry.space_group_name_H-M   'P 3'
#
loop_
_entity.id
_entity.type
_entity.pdbx_description
1 polymer 'acetyl-coenzyme A synthetase 1'
2 non-polymer 'ADENOSINE MONOPHOSPHATE'
#
_entity_poly.entity_id   1
_entity_poly.type   'polypeptide(L)'
_entity_poly.pdbx_seq_one_letter_code
;MGSSHHHHHHSSGLVPRGSHMGLQDYQRLHKESIEDPAKFFGSKATQFLNWSKPFDKVFIPDPKTGRPSFQNNAWFLNGQ
LNACYNCVDRHALKTPNKKAIIFEGDEPGQGYSITYKELLEEVCQVAQVLTYSMGVRKGDTVAVYMPMVPEAIITLLAIS
RIGAIHSVVFAGFSSNSLRDRINDGDSKVVITTDESNRGGKVIETKRIVDDALRETPGVRHVLVYRKTNNPSVAFHAPRD
LDWATEKKKYKTYYPCTPVDSEDPLFLLYTSGSTGAPKGVQHSTAGYLLGALLTMRYTFDTHQEDVFFTAGDIGWITGHT
YVVYGPLLYGCATLVFEGTPAYPNYSRYWDIIDEHKVTQFYVAPTALRLLKRAGDSYIENHSLKSLRCLGSVGEPIAAEV
WEWYSEKIGKNEIPIVDTYWQTESGSHLVTPLAGGVTPMKPGSASFPFFGIDAVVLDPNTGEELNTSHAEGVLAVKAAWP
SFARTIWKNHDRYLDTYLNPYPGYYFTGDGAAKDKDGYIWILGRVDDVVNVSGHRLSTAEIEAAIIEDPIVAECAVVGFN
DDLTGQAVAAFVVLKNKSSWSTATDDELQDIKKHLVFTVRKDIGPFAAPKLIILVDDLPKTRSGKIMRRILRKILAGESD
QLGDVSTLSNPGIVRHLIDSVKL
;
_entity_poly.pdbx_strand_id   A
#
# COMPACT_ATOMS: atom_id res chain seq x y z
N GLN A 24 3.44 14.67 25.86
CA GLN A 24 2.72 15.86 25.30
C GLN A 24 3.04 16.08 23.83
N ASP A 25 4.04 15.36 23.33
CA ASP A 25 4.46 15.49 21.94
C ASP A 25 3.34 15.54 20.90
N TYR A 26 2.54 14.47 20.84
CA TYR A 26 1.46 14.39 19.87
C TYR A 26 0.46 15.53 19.89
N GLN A 27 0.10 15.99 21.09
CA GLN A 27 -0.87 17.07 21.24
C GLN A 27 -0.41 18.37 20.57
N ARG A 28 0.87 18.72 20.76
CA ARG A 28 1.42 19.94 20.19
C ARG A 28 1.70 19.74 18.71
N LEU A 29 2.62 18.83 18.42
CA LEU A 29 3.01 18.53 17.05
C LEU A 29 1.86 18.42 16.06
N HIS A 30 0.74 17.85 16.50
CA HIS A 30 -0.40 17.73 15.60
C HIS A 30 -1.14 19.02 15.42
N LYS A 31 -1.24 19.83 16.48
CA LYS A 31 -1.95 21.10 16.38
C LYS A 31 -1.07 22.07 15.60
N GLU A 32 0.25 21.94 15.76
CA GLU A 32 1.18 22.81 15.06
C GLU A 32 1.02 22.54 13.56
N SER A 33 0.86 21.27 13.21
CA SER A 33 0.73 20.88 11.81
C SER A 33 -0.62 21.21 11.19
N ILE A 34 -1.61 21.50 12.04
CA ILE A 34 -2.95 21.83 11.56
C ILE A 34 -3.24 23.32 11.47
N GLU A 35 -2.93 24.07 12.53
CA GLU A 35 -3.17 25.51 12.51
C GLU A 35 -1.99 26.32 11.97
N ASP A 36 -0.83 25.68 11.88
CA ASP A 36 0.36 26.36 11.36
C ASP A 36 1.26 25.45 10.53
N PRO A 37 0.71 24.84 9.47
CA PRO A 37 1.48 23.94 8.59
C PRO A 37 2.72 24.56 7.96
N ALA A 38 2.66 25.84 7.64
CA ALA A 38 3.81 26.50 7.05
C ALA A 38 5.07 26.25 7.89
N LYS A 39 4.96 26.51 9.19
CA LYS A 39 6.12 26.34 10.05
C LYS A 39 6.45 24.87 10.32
N PHE A 40 5.41 24.08 10.56
CA PHE A 40 5.58 22.65 10.83
C PHE A 40 6.25 21.88 9.71
N PHE A 41 5.69 21.95 8.50
CA PHE A 41 6.24 21.23 7.36
C PHE A 41 7.41 21.94 6.69
N GLY A 42 7.43 23.27 6.78
CA GLY A 42 8.52 24.02 6.18
C GLY A 42 9.83 23.60 6.82
N SER A 43 9.78 23.44 8.14
CA SER A 43 10.93 23.05 8.94
C SER A 43 11.35 21.61 8.70
N LYS A 44 10.37 20.71 8.64
CA LYS A 44 10.66 19.30 8.42
C LYS A 44 11.20 19.11 7.01
N ALA A 45 10.61 19.83 6.06
CA ALA A 45 11.01 19.78 4.65
C ALA A 45 12.49 20.07 4.41
N THR A 46 13.06 21.03 5.14
CA THR A 46 14.48 21.39 4.98
C THR A 46 15.34 20.43 5.78
N GLN A 47 14.75 19.88 6.83
CA GLN A 47 15.45 18.94 7.71
C GLN A 47 15.70 17.59 7.05
N PHE A 48 14.62 16.90 6.66
CA PHE A 48 14.74 15.57 6.07
C PHE A 48 15.18 15.41 4.62
N LEU A 49 15.03 16.45 3.80
CA LEU A 49 15.41 16.34 2.39
C LEU A 49 16.53 17.28 1.95
N ASN A 50 17.33 16.81 0.98
CA ASN A 50 18.42 17.60 0.41
C ASN A 50 17.87 18.25 -0.86
N TRP A 51 17.93 19.57 -0.92
CA TRP A 51 17.41 20.31 -2.07
C TRP A 51 18.47 20.89 -3.01
N SER A 52 18.12 20.96 -4.29
CA SER A 52 19.00 21.51 -5.31
C SER A 52 18.78 23.01 -5.39
N LYS A 53 17.53 23.43 -5.19
CA LYS A 53 17.13 24.83 -5.22
C LYS A 53 16.02 24.98 -4.18
N PRO A 54 16.23 25.87 -3.20
CA PRO A 54 15.23 26.07 -2.13
C PRO A 54 13.83 26.43 -2.62
N PHE A 55 12.82 25.95 -1.92
CA PHE A 55 11.43 26.23 -2.28
C PHE A 55 11.02 27.59 -1.75
N ASP A 56 10.19 28.27 -2.52
CA ASP A 56 9.71 29.59 -2.16
C ASP A 56 8.60 29.53 -1.11
N LYS A 57 7.43 29.03 -1.51
CA LYS A 57 6.29 28.96 -0.60
C LYS A 57 5.99 27.51 -0.19
N VAL A 58 5.56 27.31 1.07
CA VAL A 58 5.28 25.99 1.60
C VAL A 58 4.06 25.25 1.03
N PHE A 59 2.97 25.99 0.82
CA PHE A 59 1.76 25.41 0.26
C PHE A 59 0.86 26.53 -0.27
N ILE A 60 -0.11 26.15 -1.10
CA ILE A 60 -1.03 27.12 -1.65
C ILE A 60 -2.27 27.05 -0.76
N PRO A 61 -2.55 28.11 -0.01
CA PRO A 61 -3.74 28.03 0.85
C PRO A 61 -5.07 28.22 0.15
N ASP A 62 -6.12 28.02 0.94
CA ASP A 62 -7.50 28.19 0.52
C ASP A 62 -7.76 29.61 0.99
N PRO A 63 -7.85 30.55 0.05
CA PRO A 63 -8.08 31.97 0.37
C PRO A 63 -9.23 32.21 1.35
N LYS A 64 -10.23 31.33 1.31
CA LYS A 64 -11.40 31.46 2.20
C LYS A 64 -10.93 31.18 3.62
N THR A 65 -9.80 31.78 3.98
CA THR A 65 -9.17 31.60 5.28
C THR A 65 -9.04 30.10 5.51
N GLY A 66 -7.87 29.56 5.19
CA GLY A 66 -7.70 28.14 5.38
C GLY A 66 -6.29 27.56 5.28
N ARG A 67 -6.26 26.25 5.48
CA ARG A 67 -5.05 25.46 5.43
C ARG A 67 -4.77 25.13 3.95
N PRO A 68 -3.85 24.19 3.68
CA PRO A 68 -3.56 23.86 2.27
C PRO A 68 -4.82 23.62 1.45
N SER A 69 -4.93 24.34 0.34
CA SER A 69 -6.07 24.20 -0.56
C SER A 69 -6.17 22.80 -1.16
N PHE A 70 -7.41 22.33 -1.29
CA PHE A 70 -7.65 21.01 -1.87
C PHE A 70 -7.61 21.06 -3.38
N GLN A 71 -8.27 22.05 -3.96
CA GLN A 71 -8.35 22.21 -5.40
C GLN A 71 -6.99 22.52 -6.05
N ASN A 72 -6.16 23.31 -5.38
CA ASN A 72 -4.88 23.68 -5.93
C ASN A 72 -3.72 23.22 -5.03
N ASN A 73 -3.91 22.09 -4.35
CA ASN A 73 -2.88 21.57 -3.45
C ASN A 73 -1.52 21.58 -4.11
N ALA A 74 -0.55 22.19 -3.44
CA ALA A 74 0.81 22.29 -3.96
C ALA A 74 1.75 22.70 -2.84
N TRP A 75 2.82 21.96 -2.66
CA TRP A 75 3.79 22.23 -1.60
C TRP A 75 5.22 22.50 -2.09
N PHE A 76 5.95 23.32 -1.32
CA PHE A 76 7.34 23.66 -1.60
C PHE A 76 7.58 24.26 -2.99
N LEU A 77 6.75 25.25 -3.33
CA LEU A 77 6.80 25.93 -4.61
C LEU A 77 8.21 26.28 -5.10
N ASN A 78 8.39 26.17 -6.41
CA ASN A 78 9.65 26.52 -7.05
C ASN A 78 10.86 25.78 -6.49
N GLY A 79 10.62 24.79 -5.62
CA GLY A 79 11.73 24.03 -5.07
C GLY A 79 12.17 22.95 -6.05
N GLN A 80 13.46 22.61 -6.02
CA GLN A 80 14.02 21.57 -6.88
C GLN A 80 14.84 20.56 -6.07
N LEU A 81 14.61 19.27 -6.35
CA LEU A 81 15.32 18.18 -5.68
C LEU A 81 15.26 16.92 -6.55
N ASN A 82 15.89 15.84 -6.08
CA ASN A 82 15.85 14.61 -6.83
C ASN A 82 15.61 13.40 -5.94
N ALA A 83 14.54 12.66 -6.22
CA ALA A 83 14.21 11.49 -5.42
C ALA A 83 15.40 10.56 -5.26
N CYS A 84 15.86 10.00 -6.37
CA CYS A 84 16.97 9.06 -6.32
C CYS A 84 18.15 9.60 -5.53
N TYR A 85 18.41 10.90 -5.65
CA TYR A 85 19.50 11.53 -4.90
C TYR A 85 19.21 11.41 -3.41
N ASN A 86 17.96 11.64 -3.03
CA ASN A 86 17.60 11.55 -1.63
C ASN A 86 17.50 10.10 -1.12
N CYS A 87 17.26 9.15 -2.02
CA CYS A 87 17.16 7.73 -1.63
C CYS A 87 18.48 6.96 -1.70
N VAL A 88 19.45 7.48 -2.44
CA VAL A 88 20.72 6.77 -2.61
C VAL A 88 21.98 7.62 -2.37
N ASP A 89 22.28 8.50 -3.31
CA ASP A 89 23.45 9.36 -3.26
C ASP A 89 23.89 9.86 -1.88
N ARG A 90 23.10 10.74 -1.26
CA ARG A 90 23.45 11.30 0.03
C ARG A 90 23.91 10.27 1.07
N HIS A 91 23.41 9.05 0.95
CA HIS A 91 23.78 8.00 1.88
C HIS A 91 25.02 7.22 1.42
N ALA A 92 25.32 7.24 0.13
CA ALA A 92 26.50 6.55 -0.36
C ALA A 92 27.71 7.42 -0.02
N LEU A 93 27.48 8.72 0.01
CA LEU A 93 28.51 9.71 0.32
C LEU A 93 28.67 9.95 1.82
N LYS A 94 28.01 9.14 2.64
CA LYS A 94 28.08 9.24 4.10
C LYS A 94 28.44 7.88 4.67
N THR A 95 27.57 6.91 4.44
CA THR A 95 27.80 5.56 4.93
C THR A 95 27.80 4.61 3.73
N PRO A 96 28.84 4.70 2.90
CA PRO A 96 28.96 3.85 1.71
C PRO A 96 28.96 2.35 1.99
N ASN A 97 29.48 1.95 3.14
CA ASN A 97 29.56 0.53 3.48
C ASN A 97 28.34 -0.07 4.16
N LYS A 98 27.39 0.77 4.52
CA LYS A 98 26.18 0.27 5.17
C LYS A 98 25.29 -0.34 4.09
N LYS A 99 24.57 -1.39 4.46
CA LYS A 99 23.67 -2.09 3.55
C LYS A 99 22.38 -1.30 3.29
N ALA A 100 21.95 -1.28 2.03
CA ALA A 100 20.74 -0.56 1.64
C ALA A 100 19.61 -1.56 1.38
N ILE A 101 19.88 -2.57 0.57
CA ILE A 101 18.87 -3.59 0.29
C ILE A 101 19.32 -4.96 0.75
N ILE A 102 18.45 -5.65 1.48
CA ILE A 102 18.77 -6.99 1.93
C ILE A 102 17.73 -7.88 1.27
N PHE A 103 18.19 -8.64 0.28
CA PHE A 103 17.33 -9.53 -0.47
C PHE A 103 17.22 -10.95 0.09
N GLU A 104 16.08 -11.58 -0.20
CA GLU A 104 15.79 -12.94 0.21
C GLU A 104 14.98 -13.57 -0.90
N GLY A 105 15.61 -14.47 -1.66
CA GLY A 105 14.91 -15.13 -2.76
C GLY A 105 13.69 -15.91 -2.30
N ASP A 106 12.98 -16.50 -3.25
CA ASP A 106 11.80 -17.29 -2.93
C ASP A 106 12.27 -18.55 -2.22
N GLU A 107 13.47 -19.00 -2.57
CA GLU A 107 14.10 -20.18 -1.96
C GLU A 107 14.99 -19.66 -0.81
N PRO A 108 14.96 -20.33 0.34
CA PRO A 108 15.76 -19.95 1.52
C PRO A 108 17.11 -19.26 1.27
N GLY A 109 18.20 -20.03 1.36
CA GLY A 109 19.53 -19.46 1.17
C GLY A 109 19.90 -18.97 -0.22
N GLN A 110 19.26 -17.90 -0.69
CA GLN A 110 19.55 -17.35 -2.01
C GLN A 110 19.67 -15.83 -1.85
N GLY A 111 19.88 -15.41 -0.61
CA GLY A 111 19.97 -13.98 -0.33
C GLY A 111 21.31 -13.30 -0.48
N TYR A 112 21.28 -11.98 -0.38
CA TYR A 112 22.47 -11.16 -0.51
C TYR A 112 22.10 -9.71 -0.25
N SER A 113 23.10 -8.90 0.06
CA SER A 113 22.83 -7.49 0.32
C SER A 113 23.54 -6.58 -0.66
N ILE A 114 23.03 -5.36 -0.75
CA ILE A 114 23.54 -4.31 -1.62
C ILE A 114 23.84 -3.11 -0.73
N THR A 115 25.11 -2.75 -0.65
CA THR A 115 25.52 -1.61 0.15
C THR A 115 24.92 -0.38 -0.55
N TYR A 116 25.06 0.81 0.04
CA TYR A 116 24.52 2.01 -0.59
C TYR A 116 25.43 2.43 -1.74
N LYS A 117 26.71 2.15 -1.58
CA LYS A 117 27.70 2.49 -2.60
C LYS A 117 27.39 1.76 -3.92
N GLU A 118 27.09 0.48 -3.81
CA GLU A 118 26.79 -0.39 -4.96
C GLU A 118 25.44 -0.11 -5.60
N LEU A 119 24.48 0.29 -4.78
CA LEU A 119 23.16 0.59 -5.29
C LEU A 119 23.34 1.82 -6.17
N LEU A 120 24.20 2.73 -5.71
CA LEU A 120 24.47 3.93 -6.46
C LEU A 120 25.01 3.58 -7.84
N GLU A 121 26.01 2.68 -7.87
CA GLU A 121 26.61 2.24 -9.12
C GLU A 121 25.53 1.66 -10.02
N GLU A 122 24.73 0.75 -9.47
CA GLU A 122 23.68 0.08 -10.24
C GLU A 122 22.63 1.04 -10.80
N VAL A 123 22.07 1.87 -9.94
CA VAL A 123 21.07 2.82 -10.38
C VAL A 123 21.65 3.78 -11.42
N CYS A 124 22.96 3.94 -11.44
CA CYS A 124 23.60 4.83 -12.41
C CYS A 124 23.79 4.20 -13.79
N GLN A 125 24.06 2.89 -13.83
CA GLN A 125 24.24 2.21 -15.10
C GLN A 125 22.89 2.07 -15.78
N VAL A 126 21.85 1.86 -14.96
CA VAL A 126 20.49 1.68 -15.44
C VAL A 126 19.89 3.01 -15.91
N ALA A 127 20.27 4.09 -15.25
CA ALA A 127 19.78 5.41 -15.64
C ALA A 127 20.29 5.69 -17.04
N GLN A 128 21.52 5.28 -17.28
CA GLN A 128 22.15 5.50 -18.58
C GLN A 128 21.59 4.56 -19.64
N VAL A 129 21.15 3.37 -19.21
CA VAL A 129 20.57 2.41 -20.13
C VAL A 129 19.29 3.02 -20.67
N LEU A 130 18.52 3.62 -19.75
CA LEU A 130 17.25 4.26 -20.08
C LEU A 130 17.43 5.44 -21.04
N THR A 131 18.41 6.27 -20.77
CA THR A 131 18.68 7.45 -21.61
C THR A 131 19.28 7.14 -22.97
N TYR A 132 20.33 6.33 -22.96
CA TYR A 132 21.06 5.98 -24.18
C TYR A 132 20.60 4.77 -25.00
N SER A 133 20.17 3.71 -24.33
CA SER A 133 19.72 2.52 -25.06
C SER A 133 18.24 2.54 -25.41
N MET A 134 17.44 3.19 -24.56
CA MET A 134 15.99 3.23 -24.79
C MET A 134 15.43 4.60 -25.16
N GLY A 135 16.21 5.65 -24.93
CA GLY A 135 15.77 6.99 -25.30
C GLY A 135 14.74 7.66 -24.40
N VAL A 136 14.72 7.30 -23.12
CA VAL A 136 13.79 7.91 -22.18
C VAL A 136 14.27 9.31 -21.78
N ARG A 137 13.31 10.24 -21.65
CA ARG A 137 13.62 11.63 -21.28
C ARG A 137 12.84 12.02 -20.02
N LYS A 138 13.22 13.15 -19.43
CA LYS A 138 12.56 13.66 -18.24
C LYS A 138 11.07 13.88 -18.51
N GLY A 139 10.22 13.18 -17.78
CA GLY A 139 8.79 13.34 -17.96
C GLY A 139 8.07 12.14 -18.54
N ASP A 140 8.80 11.26 -19.22
CA ASP A 140 8.21 10.06 -19.83
C ASP A 140 7.66 9.12 -18.77
N THR A 141 6.73 8.26 -19.18
CA THR A 141 6.16 7.27 -18.26
C THR A 141 6.85 5.94 -18.52
N VAL A 142 7.51 5.39 -17.52
CA VAL A 142 8.19 4.11 -17.67
C VAL A 142 7.35 3.03 -16.97
N ALA A 143 6.86 2.06 -17.72
CA ALA A 143 6.07 0.97 -17.12
C ALA A 143 6.99 -0.10 -16.52
N VAL A 144 6.63 -0.55 -15.33
CA VAL A 144 7.42 -1.56 -14.61
C VAL A 144 6.57 -2.77 -14.24
N TYR A 145 6.97 -3.92 -14.78
CA TYR A 145 6.27 -5.17 -14.53
C TYR A 145 7.30 -6.13 -13.98
N MET A 146 7.59 -6.06 -12.69
CA MET A 146 8.61 -6.92 -12.11
C MET A 146 8.27 -7.52 -10.76
N PRO A 147 9.00 -8.58 -10.36
CA PRO A 147 8.73 -9.19 -9.07
C PRO A 147 9.58 -8.50 -7.99
N MET A 148 9.46 -8.94 -6.75
CA MET A 148 10.24 -8.33 -5.66
C MET A 148 11.68 -8.82 -5.64
N VAL A 149 12.50 -8.20 -6.48
CA VAL A 149 13.91 -8.53 -6.57
C VAL A 149 14.63 -7.18 -6.55
N PRO A 150 15.92 -7.16 -6.20
CA PRO A 150 16.61 -5.87 -6.17
C PRO A 150 16.43 -5.03 -7.44
N GLU A 151 16.73 -5.62 -8.60
CA GLU A 151 16.63 -4.94 -9.90
C GLU A 151 15.33 -4.16 -10.11
N ALA A 152 14.27 -4.59 -9.44
CA ALA A 152 13.00 -3.90 -9.56
C ALA A 152 13.18 -2.55 -8.88
N ILE A 153 13.80 -2.59 -7.70
CA ILE A 153 14.06 -1.40 -6.88
C ILE A 153 15.03 -0.42 -7.56
N ILE A 154 16.16 -0.93 -8.07
CA ILE A 154 17.09 -0.01 -8.72
C ILE A 154 16.46 0.56 -10.02
N THR A 155 15.58 -0.21 -10.65
CA THR A 155 14.92 0.22 -11.88
C THR A 155 14.11 1.47 -11.53
N LEU A 156 13.27 1.37 -10.49
CA LEU A 156 12.46 2.50 -10.02
C LEU A 156 13.31 3.74 -9.66
N LEU A 157 14.44 3.52 -8.99
CA LEU A 157 15.30 4.63 -8.62
C LEU A 157 15.95 5.21 -9.87
N ALA A 158 16.25 4.34 -10.84
CA ALA A 158 16.88 4.77 -12.07
C ALA A 158 15.95 5.69 -12.83
N ILE A 159 14.67 5.39 -12.76
CA ILE A 159 13.67 6.20 -13.42
C ILE A 159 13.61 7.60 -12.82
N SER A 160 13.56 7.71 -11.50
CA SER A 160 13.46 9.06 -10.95
C SER A 160 14.79 9.81 -11.08
N ARG A 161 15.90 9.09 -11.01
CA ARG A 161 17.21 9.73 -11.16
C ARG A 161 17.28 10.61 -12.40
N ILE A 162 16.65 10.17 -13.48
CA ILE A 162 16.65 10.92 -14.72
C ILE A 162 15.41 11.78 -14.96
N GLY A 163 14.62 12.01 -13.91
CA GLY A 163 13.43 12.83 -14.02
C GLY A 163 12.26 12.19 -14.74
N ALA A 164 12.24 10.86 -14.76
CA ALA A 164 11.18 10.13 -15.43
C ALA A 164 10.17 9.76 -14.35
N ILE A 165 8.98 9.32 -14.78
CA ILE A 165 7.85 8.98 -13.90
C ILE A 165 7.53 7.48 -13.99
N HIS A 166 7.79 6.72 -12.93
CA HIS A 166 7.53 5.30 -13.00
C HIS A 166 6.11 4.87 -12.73
N SER A 167 5.67 3.86 -13.49
CA SER A 167 4.32 3.32 -13.37
C SER A 167 4.44 1.81 -13.20
N VAL A 168 4.39 1.38 -11.95
CA VAL A 168 4.51 -0.03 -11.57
C VAL A 168 3.19 -0.79 -11.70
N VAL A 169 3.25 -1.99 -12.27
CA VAL A 169 2.07 -2.84 -12.43
C VAL A 169 2.39 -4.18 -11.76
N PHE A 170 1.45 -4.74 -11.00
CA PHE A 170 1.68 -6.02 -10.30
C PHE A 170 2.21 -7.12 -11.23
N ALA A 171 3.32 -7.75 -10.84
CA ALA A 171 3.93 -8.80 -11.63
C ALA A 171 3.05 -10.05 -11.74
N GLY A 172 1.76 -9.89 -11.51
CA GLY A 172 0.87 -11.03 -11.62
C GLY A 172 -0.30 -10.76 -12.55
N PHE A 173 -0.67 -9.48 -12.67
CA PHE A 173 -1.79 -9.06 -13.49
C PHE A 173 -1.72 -9.57 -14.92
N SER A 174 -2.90 -9.81 -15.48
CA SER A 174 -3.04 -10.31 -16.85
C SER A 174 -2.41 -9.36 -17.85
N SER A 175 -2.14 -9.88 -19.04
CA SER A 175 -1.55 -9.09 -20.11
C SER A 175 -2.57 -8.03 -20.55
N ASN A 176 -3.85 -8.31 -20.32
CA ASN A 176 -4.88 -7.37 -20.68
C ASN A 176 -4.80 -6.17 -19.74
N SER A 177 -4.46 -6.44 -18.48
CA SER A 177 -4.31 -5.40 -17.47
C SER A 177 -3.06 -4.59 -17.78
N LEU A 178 -2.02 -5.27 -18.23
CA LEU A 178 -0.75 -4.62 -18.55
C LEU A 178 -0.94 -3.62 -19.69
N ARG A 179 -1.56 -4.07 -20.78
CA ARG A 179 -1.83 -3.25 -21.96
C ARG A 179 -2.55 -1.95 -21.62
N ASP A 180 -3.74 -2.06 -21.03
CA ASP A 180 -4.51 -0.86 -20.68
C ASP A 180 -3.75 0.13 -19.81
N ARG A 181 -3.04 -0.37 -18.80
CA ARG A 181 -2.27 0.49 -17.91
C ARG A 181 -1.15 1.19 -18.67
N ILE A 182 -0.52 0.50 -19.62
CA ILE A 182 0.55 1.12 -20.40
C ILE A 182 -0.07 2.14 -21.37
N ASN A 183 -1.16 1.76 -22.03
CA ASN A 183 -1.82 2.67 -22.97
C ASN A 183 -2.30 3.93 -22.25
N ASP A 184 -2.96 3.80 -21.11
CA ASP A 184 -3.42 5.00 -20.42
C ASP A 184 -2.21 5.79 -19.91
N GLY A 185 -1.16 5.06 -19.51
CA GLY A 185 0.04 5.69 -18.97
C GLY A 185 0.96 6.43 -19.94
N ASP A 186 0.84 6.11 -21.23
CA ASP A 186 1.66 6.75 -22.28
C ASP A 186 3.05 6.16 -22.27
N SER A 187 3.20 5.01 -21.64
CA SER A 187 4.49 4.35 -21.54
C SER A 187 5.06 3.80 -22.85
N LYS A 188 6.07 4.48 -23.35
CA LYS A 188 6.75 4.11 -24.59
C LYS A 188 7.77 2.99 -24.34
N VAL A 189 8.10 2.74 -23.08
CA VAL A 189 9.05 1.67 -22.73
C VAL A 189 8.53 0.78 -21.61
N VAL A 190 9.14 -0.39 -21.45
CA VAL A 190 8.75 -1.31 -20.41
C VAL A 190 9.97 -1.96 -19.74
N ILE A 191 9.77 -2.54 -18.57
CA ILE A 191 10.84 -3.20 -17.83
C ILE A 191 10.29 -4.45 -17.13
N THR A 192 10.86 -5.61 -17.40
CA THR A 192 10.38 -6.87 -16.81
C THR A 192 11.52 -7.89 -16.70
N THR A 193 11.14 -9.13 -16.39
CA THR A 193 12.07 -10.25 -16.28
C THR A 193 11.55 -11.29 -17.27
N ASP A 194 12.27 -12.41 -17.41
CA ASP A 194 11.84 -13.46 -18.33
C ASP A 194 10.78 -14.35 -17.65
N GLU A 195 11.02 -14.68 -16.38
CA GLU A 195 10.11 -15.49 -15.59
C GLU A 195 10.27 -15.15 -14.11
N SER A 196 9.29 -15.53 -13.30
CA SER A 196 9.32 -15.26 -11.86
C SER A 196 8.90 -16.45 -10.99
N ASN A 197 9.84 -16.97 -10.19
CA ASN A 197 9.51 -18.08 -9.30
C ASN A 197 8.88 -17.52 -8.03
N ARG A 198 7.56 -17.69 -7.91
CA ARG A 198 6.83 -17.19 -6.75
C ARG A 198 6.23 -18.33 -5.93
N GLY A 199 6.47 -18.29 -4.61
CA GLY A 199 5.95 -19.31 -3.72
C GLY A 199 6.25 -20.71 -4.22
N GLY A 200 7.22 -20.81 -5.12
CA GLY A 200 7.59 -22.11 -5.67
C GLY A 200 6.91 -22.38 -7.01
N LYS A 201 6.44 -21.32 -7.64
CA LYS A 201 5.76 -21.43 -8.94
C LYS A 201 6.33 -20.41 -9.93
N VAL A 202 6.91 -20.90 -11.03
CA VAL A 202 7.46 -20.00 -12.03
C VAL A 202 6.31 -19.26 -12.70
N ILE A 203 6.57 -18.03 -13.12
CA ILE A 203 5.54 -17.24 -13.78
C ILE A 203 6.11 -16.55 -15.01
N GLU A 204 5.52 -16.85 -16.16
CA GLU A 204 5.98 -16.26 -17.41
C GLU A 204 5.53 -14.81 -17.49
N THR A 205 6.47 -13.89 -17.32
CA THR A 205 6.16 -12.46 -17.37
C THR A 205 6.45 -11.97 -18.78
N LYS A 206 7.61 -12.34 -19.32
CA LYS A 206 7.98 -11.93 -20.65
C LYS A 206 6.88 -12.38 -21.60
N ARG A 207 6.30 -13.54 -21.31
CA ARG A 207 5.20 -14.06 -22.12
C ARG A 207 4.09 -13.03 -22.02
N ILE A 208 3.65 -12.78 -20.80
CA ILE A 208 2.59 -11.81 -20.51
C ILE A 208 2.88 -10.45 -21.11
N VAL A 209 4.16 -10.06 -21.13
CA VAL A 209 4.53 -8.76 -21.70
C VAL A 209 4.25 -8.74 -23.20
N ASP A 210 4.65 -9.80 -23.90
CA ASP A 210 4.45 -9.87 -25.33
C ASP A 210 3.00 -9.90 -25.78
N ASP A 211 2.16 -10.67 -25.08
CA ASP A 211 0.75 -10.71 -25.48
C ASP A 211 0.21 -9.28 -25.39
N ALA A 212 0.58 -8.58 -24.33
CA ALA A 212 0.13 -7.21 -24.12
C ALA A 212 0.64 -6.24 -25.19
N LEU A 213 1.91 -6.33 -25.55
CA LEU A 213 2.45 -5.41 -26.55
C LEU A 213 1.93 -5.62 -27.98
N ARG A 214 1.04 -6.59 -28.15
CA ARG A 214 0.46 -6.84 -29.47
C ARG A 214 -0.61 -5.77 -29.68
N GLU A 215 -0.86 -4.98 -28.65
CA GLU A 215 -1.86 -3.92 -28.71
C GLU A 215 -1.40 -2.57 -28.15
N THR A 216 -0.12 -2.48 -27.79
CA THR A 216 0.42 -1.22 -27.28
C THR A 216 1.30 -0.61 -28.38
N PRO A 217 0.69 0.23 -29.23
CA PRO A 217 1.27 0.95 -30.37
C PRO A 217 2.47 1.84 -30.08
N GLY A 218 2.49 2.47 -28.90
CA GLY A 218 3.58 3.36 -28.57
C GLY A 218 4.78 2.77 -27.87
N VAL A 219 4.80 1.46 -27.64
CA VAL A 219 5.94 0.85 -26.97
C VAL A 219 7.13 0.68 -27.93
N ARG A 220 8.16 1.50 -27.69
CA ARG A 220 9.39 1.53 -28.46
C ARG A 220 10.42 0.47 -28.02
N HIS A 221 10.63 0.35 -26.72
CA HIS A 221 11.59 -0.63 -26.17
C HIS A 221 11.06 -1.44 -24.98
N VAL A 222 11.79 -2.50 -24.66
CA VAL A 222 11.47 -3.38 -23.55
C VAL A 222 12.77 -3.90 -22.97
N LEU A 223 13.06 -3.50 -21.73
CA LEU A 223 14.28 -3.94 -21.05
C LEU A 223 13.91 -5.20 -20.26
N VAL A 224 14.67 -6.26 -20.50
CA VAL A 224 14.42 -7.54 -19.87
C VAL A 224 15.59 -8.01 -19.03
N TYR A 225 15.35 -8.23 -17.75
CA TYR A 225 16.36 -8.72 -16.83
C TYR A 225 16.15 -10.22 -16.66
N ARG A 226 17.00 -10.99 -17.33
CA ARG A 226 16.91 -12.44 -17.29
C ARG A 226 17.17 -12.92 -15.87
N LYS A 227 16.12 -13.40 -15.20
CA LYS A 227 16.25 -13.86 -13.82
C LYS A 227 16.48 -15.37 -13.72
N THR A 228 15.92 -16.13 -14.65
CA THR A 228 16.06 -17.59 -14.61
C THR A 228 16.91 -18.22 -15.70
N ASN A 229 17.04 -17.55 -16.84
CA ASN A 229 17.82 -18.08 -17.98
C ASN A 229 16.84 -18.91 -18.81
N ASN A 230 15.75 -18.23 -19.16
CA ASN A 230 14.63 -18.72 -19.96
C ASN A 230 14.72 -20.00 -20.80
N PRO A 231 13.56 -20.68 -20.95
CA PRO A 231 13.39 -21.91 -21.72
C PRO A 231 12.92 -21.50 -23.12
N SER A 232 13.79 -20.78 -23.83
CA SER A 232 13.47 -20.28 -25.16
C SER A 232 12.29 -19.31 -25.05
N VAL A 233 12.44 -18.32 -24.19
CA VAL A 233 11.42 -17.30 -24.01
C VAL A 233 11.66 -16.27 -25.11
N ALA A 234 10.58 -15.70 -25.64
CA ALA A 234 10.69 -14.71 -26.71
C ALA A 234 11.60 -13.53 -26.38
N PHE A 235 12.12 -12.92 -27.45
CA PHE A 235 13.03 -11.77 -27.43
C PHE A 235 13.15 -11.57 -28.94
N HIS A 236 12.76 -10.43 -29.49
CA HIS A 236 12.77 -10.33 -30.94
C HIS A 236 13.55 -9.36 -31.83
N ALA A 237 13.65 -8.08 -31.48
CA ALA A 237 14.35 -7.19 -32.40
C ALA A 237 15.04 -6.07 -31.66
N PRO A 238 15.29 -4.93 -32.33
CA PRO A 238 15.95 -3.93 -31.49
C PRO A 238 14.99 -3.43 -30.42
N ARG A 239 13.76 -3.97 -30.41
CA ARG A 239 12.78 -3.55 -29.42
C ARG A 239 13.22 -4.06 -28.06
N ASP A 240 13.47 -5.36 -27.98
CA ASP A 240 13.92 -6.00 -26.76
C ASP A 240 15.39 -5.76 -26.47
N LEU A 241 15.70 -5.47 -25.22
CA LEU A 241 17.07 -5.22 -24.80
C LEU A 241 17.38 -6.04 -23.55
N ASP A 242 18.64 -6.44 -23.38
CA ASP A 242 19.02 -7.22 -22.21
C ASP A 242 19.58 -6.33 -21.10
N TRP A 243 19.07 -6.55 -19.88
CA TRP A 243 19.48 -5.81 -18.69
C TRP A 243 21.00 -5.86 -18.48
N ALA A 244 21.55 -7.07 -18.43
CA ALA A 244 22.99 -7.25 -18.24
C ALA A 244 23.80 -6.71 -19.41
N THR A 245 23.39 -7.08 -20.63
CA THR A 245 24.05 -6.64 -21.85
C THR A 245 24.19 -5.12 -21.88
N GLU A 246 23.09 -4.43 -21.61
CA GLU A 246 23.06 -2.98 -21.61
C GLU A 246 23.77 -2.35 -20.40
N LYS A 247 23.54 -2.88 -19.21
CA LYS A 247 24.15 -2.29 -18.03
C LYS A 247 25.67 -2.12 -18.11
N LYS A 248 26.36 -3.22 -18.42
CA LYS A 248 27.82 -3.25 -18.53
C LYS A 248 28.46 -2.17 -19.43
N LYS A 249 27.62 -1.49 -20.20
CA LYS A 249 28.10 -0.48 -21.13
C LYS A 249 28.40 0.91 -20.57
N TYR A 250 27.72 1.26 -19.49
CA TYR A 250 27.84 2.57 -18.85
C TYR A 250 28.69 2.65 -17.60
N LYS A 251 29.26 3.83 -17.33
CA LYS A 251 30.09 4.04 -16.14
C LYS A 251 29.22 3.83 -14.92
N THR A 252 29.82 3.80 -13.73
CA THR A 252 29.00 3.57 -12.55
C THR A 252 28.46 4.84 -11.90
N TYR A 253 28.95 6.00 -12.31
CA TYR A 253 28.40 7.23 -11.76
C TYR A 253 27.74 8.03 -12.88
N TYR A 254 26.56 8.56 -12.60
CA TYR A 254 25.81 9.37 -13.57
C TYR A 254 25.07 10.45 -12.79
N PRO A 255 25.15 11.72 -13.25
CA PRO A 255 24.49 12.84 -12.58
C PRO A 255 22.98 12.79 -12.55
N CYS A 256 22.40 13.25 -11.44
CA CYS A 256 20.95 13.24 -11.28
C CYS A 256 20.29 14.35 -12.09
N THR A 257 18.98 14.25 -12.21
CA THR A 257 18.23 15.27 -12.93
C THR A 257 17.30 16.00 -11.96
N PRO A 258 17.59 17.29 -11.71
CA PRO A 258 16.76 18.08 -10.80
C PRO A 258 15.36 18.21 -11.42
N VAL A 259 14.34 18.18 -10.58
CA VAL A 259 12.98 18.33 -11.04
C VAL A 259 12.30 19.18 -10.00
N ASP A 260 11.22 19.82 -10.39
CA ASP A 260 10.49 20.68 -9.48
C ASP A 260 9.76 19.85 -8.44
N SER A 261 9.68 20.43 -7.25
CA SER A 261 8.99 19.85 -6.12
C SER A 261 7.65 19.24 -6.52
N GLU A 262 6.89 19.97 -7.33
CA GLU A 262 5.58 19.51 -7.76
C GLU A 262 5.51 18.66 -9.04
N ASP A 263 6.66 18.25 -9.57
CA ASP A 263 6.66 17.41 -10.77
C ASP A 263 6.34 15.97 -10.33
N PRO A 264 5.50 15.27 -11.11
CA PRO A 264 5.14 13.89 -10.77
C PRO A 264 6.31 12.96 -10.49
N LEU A 265 6.20 12.24 -9.39
CA LEU A 265 7.23 11.28 -9.02
C LEU A 265 6.85 10.00 -9.74
N PHE A 266 5.60 9.59 -9.57
CA PHE A 266 5.12 8.36 -10.20
C PHE A 266 3.61 8.33 -10.39
N LEU A 267 3.15 7.20 -10.93
CA LEU A 267 1.73 6.95 -11.17
C LEU A 267 1.53 5.56 -10.62
N LEU A 268 0.36 5.31 -10.04
CA LEU A 268 0.07 4.00 -9.52
C LEU A 268 -1.39 3.68 -9.78
N TYR A 269 -1.62 2.85 -10.79
CA TYR A 269 -2.98 2.46 -11.14
C TYR A 269 -3.60 1.60 -10.06
N THR A 270 -4.56 2.18 -9.35
CA THR A 270 -5.27 1.49 -8.28
C THR A 270 -6.30 0.58 -8.92
N SER A 271 -6.29 -0.69 -8.52
CA SER A 271 -7.21 -1.66 -9.08
C SER A 271 -8.20 -2.16 -8.02
N GLY A 272 -9.05 -1.26 -7.53
CA GLY A 272 -10.02 -1.64 -6.51
C GLY A 272 -11.43 -1.87 -7.02
N SER A 273 -12.25 -0.84 -6.96
CA SER A 273 -13.64 -0.92 -7.41
C SER A 273 -13.73 -1.04 -8.92
N THR A 274 -14.95 -1.17 -9.44
CA THR A 274 -15.15 -1.29 -10.87
C THR A 274 -14.96 0.06 -11.55
N GLY A 275 -14.67 0.02 -12.84
CA GLY A 275 -14.44 1.25 -13.60
C GLY A 275 -12.99 1.36 -14.00
N ALA A 276 -12.74 1.79 -15.24
CA ALA A 276 -11.39 1.95 -15.76
C ALA A 276 -10.38 2.34 -14.67
N PRO A 277 -9.37 1.50 -14.43
CA PRO A 277 -8.33 1.72 -13.43
C PRO A 277 -7.83 3.17 -13.39
N LYS A 278 -7.63 3.70 -12.19
CA LYS A 278 -7.19 5.09 -12.03
C LYS A 278 -5.68 5.24 -11.90
N GLY A 279 -5.11 6.16 -12.68
CA GLY A 279 -3.68 6.38 -12.60
C GLY A 279 -3.39 7.45 -11.56
N VAL A 280 -3.44 7.11 -10.28
CA VAL A 280 -3.19 8.09 -9.22
C VAL A 280 -1.79 8.67 -9.35
N GLN A 281 -1.70 9.99 -9.52
CA GLN A 281 -0.44 10.71 -9.66
C GLN A 281 0.03 11.41 -8.38
N HIS A 282 1.25 11.11 -7.96
CA HIS A 282 1.84 11.71 -6.77
C HIS A 282 2.93 12.72 -7.11
N SER A 283 3.08 13.70 -6.24
CA SER A 283 4.08 14.73 -6.40
C SER A 283 5.42 14.08 -6.07
N THR A 284 6.48 14.88 -6.09
CA THR A 284 7.79 14.40 -5.72
C THR A 284 8.03 14.83 -4.26
N ALA A 285 8.46 16.07 -4.03
CA ALA A 285 8.73 16.53 -2.66
C ALA A 285 7.63 16.12 -1.69
N GLY A 286 6.44 16.70 -1.84
CA GLY A 286 5.35 16.35 -0.95
C GLY A 286 5.22 14.87 -0.57
N TYR A 287 5.25 13.98 -1.56
CA TYR A 287 5.12 12.54 -1.27
C TYR A 287 6.34 12.03 -0.48
N LEU A 288 7.53 12.48 -0.87
CA LEU A 288 8.77 12.07 -0.22
C LEU A 288 8.85 12.53 1.23
N LEU A 289 8.31 13.71 1.53
CA LEU A 289 8.35 14.23 2.90
C LEU A 289 7.43 13.41 3.81
N GLY A 290 6.28 13.01 3.27
CA GLY A 290 5.33 12.20 4.04
C GLY A 290 5.93 10.86 4.42
N ALA A 291 6.58 10.22 3.45
CA ALA A 291 7.22 8.92 3.67
C ALA A 291 8.32 9.04 4.73
N LEU A 292 8.90 10.24 4.83
CA LEU A 292 9.95 10.50 5.80
C LEU A 292 9.37 10.79 7.18
N LEU A 293 8.35 11.64 7.23
CA LEU A 293 7.70 11.96 8.49
C LEU A 293 7.15 10.68 9.12
N THR A 294 6.44 9.88 8.32
CA THR A 294 5.86 8.64 8.82
C THR A 294 6.87 7.61 9.32
N MET A 295 8.08 7.63 8.77
CA MET A 295 9.10 6.68 9.20
C MET A 295 9.60 7.04 10.59
N ARG A 296 9.97 8.30 10.77
CA ARG A 296 10.47 8.78 12.05
C ARG A 296 9.48 8.73 13.21
N TYR A 297 8.22 9.11 12.97
CA TYR A 297 7.21 9.13 14.03
C TYR A 297 6.44 7.82 14.18
N THR A 298 5.83 7.37 13.10
CA THR A 298 5.05 6.14 13.14
C THR A 298 5.87 4.93 13.55
N PHE A 299 6.99 4.69 12.87
CA PHE A 299 7.83 3.54 13.16
C PHE A 299 9.05 3.85 14.02
N ASP A 300 9.30 5.13 14.32
CA ASP A 300 10.47 5.48 15.13
C ASP A 300 11.68 4.79 14.51
N THR A 301 11.92 5.06 13.24
CA THR A 301 13.05 4.43 12.56
C THR A 301 14.33 5.23 12.78
N HIS A 302 15.45 4.51 12.79
CA HIS A 302 16.77 5.10 12.98
C HIS A 302 17.57 4.90 11.69
N GLN A 303 18.89 4.78 11.82
CA GLN A 303 19.76 4.58 10.65
C GLN A 303 20.23 3.13 10.55
N GLU A 304 20.49 2.52 11.69
CA GLU A 304 20.96 1.14 11.74
C GLU A 304 19.85 0.09 11.65
N ASP A 305 18.62 0.53 11.40
CA ASP A 305 17.48 -0.39 11.31
C ASP A 305 17.45 -1.30 10.10
N VAL A 306 16.60 -2.32 10.17
CA VAL A 306 16.39 -3.30 9.12
C VAL A 306 14.86 -3.38 9.02
N PHE A 307 14.29 -2.60 8.11
CA PHE A 307 12.85 -2.53 7.92
C PHE A 307 12.37 -3.62 6.96
N PHE A 308 11.29 -4.32 7.33
CA PHE A 308 10.74 -5.38 6.47
C PHE A 308 9.25 -5.17 6.25
N THR A 309 8.90 -4.69 5.06
CA THR A 309 7.52 -4.49 4.67
C THR A 309 7.13 -5.63 3.74
N ALA A 310 6.20 -6.47 4.20
CA ALA A 310 5.73 -7.60 3.43
C ALA A 310 4.60 -7.21 2.50
N GLY A 311 4.97 -6.50 1.44
CA GLY A 311 4.00 -6.04 0.47
C GLY A 311 4.73 -5.73 -0.84
N ASP A 312 4.17 -6.24 -1.93
CA ASP A 312 4.73 -6.09 -3.26
C ASP A 312 4.87 -4.61 -3.69
N ILE A 313 5.77 -4.36 -4.63
CA ILE A 313 5.97 -3.01 -5.13
C ILE A 313 4.71 -2.61 -5.90
N GLY A 314 3.75 -3.54 -5.98
CA GLY A 314 2.51 -3.32 -6.69
C GLY A 314 1.54 -2.32 -6.10
N TRP A 315 1.68 -2.03 -4.81
CA TRP A 315 0.81 -1.02 -4.21
C TRP A 315 1.58 -0.06 -3.33
N ILE A 316 0.98 1.09 -3.08
CA ILE A 316 1.58 2.16 -2.27
C ILE A 316 2.34 1.66 -1.07
N THR A 317 1.89 0.55 -0.50
CA THR A 317 2.57 0.02 0.65
C THR A 317 4.02 -0.25 0.26
N GLY A 318 4.20 -0.99 -0.82
CA GLY A 318 5.54 -1.28 -1.30
C GLY A 318 6.25 -0.03 -1.81
N HIS A 319 5.51 0.93 -2.35
CA HIS A 319 6.16 2.13 -2.84
C HIS A 319 6.71 2.92 -1.66
N THR A 320 5.81 3.25 -0.74
CA THR A 320 6.16 4.05 0.42
C THR A 320 6.89 3.39 1.59
N TYR A 321 6.78 2.07 1.75
CA TYR A 321 7.43 1.46 2.89
C TYR A 321 8.38 0.31 2.64
N VAL A 322 8.53 -0.06 1.38
CA VAL A 322 9.47 -1.11 1.04
C VAL A 322 10.45 -0.53 0.02
N VAL A 323 10.41 0.78 -0.16
CA VAL A 323 11.30 1.47 -1.09
C VAL A 323 11.59 2.91 -0.68
N TYR A 324 10.59 3.77 -0.79
CA TYR A 324 10.76 5.17 -0.46
C TYR A 324 11.03 5.49 0.99
N GLY A 325 10.10 5.17 1.88
CA GLY A 325 10.35 5.47 3.28
C GLY A 325 11.73 5.00 3.73
N PRO A 326 11.98 3.69 3.75
CA PRO A 326 13.27 3.14 4.16
C PRO A 326 14.52 3.74 3.49
N LEU A 327 14.52 3.84 2.17
CA LEU A 327 15.67 4.39 1.45
C LEU A 327 15.88 5.88 1.66
N LEU A 328 14.78 6.61 1.85
CA LEU A 328 14.86 8.05 2.07
C LEU A 328 15.44 8.29 3.45
N TYR A 329 15.14 7.40 4.38
CA TYR A 329 15.62 7.55 5.73
C TYR A 329 17.09 7.14 5.91
N GLY A 330 17.57 6.24 5.06
CA GLY A 330 18.95 5.82 5.14
C GLY A 330 19.21 4.52 5.90
N CYS A 331 18.18 3.69 6.08
CA CYS A 331 18.41 2.44 6.78
C CYS A 331 18.34 1.33 5.77
N ALA A 332 18.18 0.10 6.24
CA ALA A 332 18.12 -1.05 5.35
C ALA A 332 16.68 -1.50 5.16
N THR A 333 16.34 -1.88 3.93
CA THR A 333 15.00 -2.35 3.63
C THR A 333 15.15 -3.76 3.08
N LEU A 334 14.29 -4.66 3.52
CA LEU A 334 14.34 -6.05 3.10
C LEU A 334 13.45 -6.37 1.90
N VAL A 335 14.01 -7.05 0.91
CA VAL A 335 13.26 -7.41 -0.30
C VAL A 335 13.11 -8.93 -0.40
N PHE A 336 11.91 -9.42 -0.13
CA PHE A 336 11.58 -10.84 -0.18
C PHE A 336 10.62 -11.09 -1.34
N GLU A 337 11.05 -11.89 -2.32
CA GLU A 337 10.21 -12.18 -3.49
C GLU A 337 9.40 -13.45 -3.34
N GLY A 338 9.20 -13.89 -2.10
CA GLY A 338 8.45 -15.11 -1.88
C GLY A 338 7.09 -14.98 -1.21
N THR A 339 6.57 -16.11 -0.76
CA THR A 339 5.27 -16.17 -0.09
C THR A 339 5.41 -16.59 1.36
N PRO A 340 4.46 -16.17 2.21
CA PRO A 340 4.43 -16.48 3.64
C PRO A 340 4.35 -17.97 3.96
N ALA A 341 3.82 -18.74 3.01
CA ALA A 341 3.66 -20.17 3.19
C ALA A 341 4.79 -21.00 2.57
N TYR A 342 5.63 -20.35 1.77
CA TYR A 342 6.75 -21.05 1.13
C TYR A 342 8.07 -20.75 1.82
N PRO A 343 8.87 -21.80 2.08
CA PRO A 343 8.63 -23.22 1.80
C PRO A 343 7.84 -23.88 2.93
N ASN A 344 7.41 -23.05 3.88
CA ASN A 344 6.63 -23.48 5.02
C ASN A 344 6.30 -22.23 5.81
N TYR A 345 5.30 -22.29 6.67
CA TYR A 345 4.88 -21.13 7.43
C TYR A 345 5.88 -20.55 8.42
N SER A 346 6.98 -21.25 8.65
CA SER A 346 7.99 -20.75 9.57
C SER A 346 8.91 -19.78 8.81
N ARG A 347 8.88 -19.87 7.48
CA ARG A 347 9.70 -19.03 6.59
C ARG A 347 9.71 -17.54 6.92
N TYR A 348 8.54 -16.94 7.01
CA TYR A 348 8.45 -15.51 7.33
C TYR A 348 9.30 -15.17 8.55
N TRP A 349 9.24 -16.02 9.57
CA TRP A 349 9.98 -15.77 10.78
C TRP A 349 11.44 -16.22 10.72
N ASP A 350 11.77 -17.08 9.77
CA ASP A 350 13.15 -17.52 9.65
C ASP A 350 14.02 -16.36 9.17
N ILE A 351 13.50 -15.59 8.22
CA ILE A 351 14.23 -14.46 7.67
C ILE A 351 14.23 -13.23 8.57
N ILE A 352 13.38 -13.22 9.58
CA ILE A 352 13.30 -12.10 10.51
C ILE A 352 14.36 -12.17 11.60
N ASP A 353 14.70 -13.39 12.03
CA ASP A 353 15.69 -13.56 13.08
C ASP A 353 17.14 -13.56 12.59
N GLU A 354 17.38 -13.93 11.33
CA GLU A 354 18.75 -13.96 10.83
C GLU A 354 19.19 -12.55 10.39
N HIS A 355 18.26 -11.77 9.88
CA HIS A 355 18.54 -10.40 9.43
C HIS A 355 18.29 -9.39 10.57
N LYS A 356 17.88 -9.89 11.73
CA LYS A 356 17.59 -9.04 12.89
C LYS A 356 16.65 -7.91 12.49
N VAL A 357 15.63 -8.25 11.72
CA VAL A 357 14.63 -7.31 11.27
C VAL A 357 14.06 -6.57 12.48
N THR A 358 14.11 -5.24 12.43
CA THR A 358 13.63 -4.40 13.52
C THR A 358 12.26 -3.80 13.25
N GLN A 359 11.73 -4.06 12.06
CA GLN A 359 10.45 -3.50 11.68
C GLN A 359 9.70 -4.50 10.81
N PHE A 360 8.59 -5.02 11.32
CA PHE A 360 7.78 -5.96 10.55
C PHE A 360 6.49 -5.20 10.24
N TYR A 361 6.03 -5.27 9.00
CA TYR A 361 4.84 -4.55 8.54
C TYR A 361 4.15 -5.45 7.50
N VAL A 362 2.99 -5.98 7.87
CA VAL A 362 2.27 -6.89 6.97
C VAL A 362 0.76 -6.65 6.99
N ALA A 363 0.05 -7.35 6.10
CA ALA A 363 -1.40 -7.22 5.99
C ALA A 363 -2.13 -8.33 6.75
N PRO A 364 -3.34 -8.02 7.26
CA PRO A 364 -4.17 -8.98 8.01
C PRO A 364 -4.42 -10.33 7.33
N THR A 365 -4.60 -10.34 6.01
CA THR A 365 -4.84 -11.60 5.32
C THR A 365 -3.71 -12.55 5.68
N ALA A 366 -2.48 -12.08 5.50
CA ALA A 366 -1.30 -12.88 5.83
C ALA A 366 -1.29 -13.27 7.30
N LEU A 367 -1.50 -12.30 8.18
CA LEU A 367 -1.54 -12.53 9.64
C LEU A 367 -2.67 -13.46 10.02
N ARG A 368 -3.55 -13.71 9.06
CA ARG A 368 -4.72 -14.55 9.29
C ARG A 368 -4.43 -15.99 8.90
N LEU A 369 -3.52 -16.17 7.94
CA LEU A 369 -3.15 -17.50 7.47
C LEU A 369 -2.04 -18.09 8.33
N LEU A 370 -1.22 -17.22 8.90
CA LEU A 370 -0.10 -17.65 9.74
C LEU A 370 -0.63 -18.08 11.10
N LYS A 371 -1.70 -17.43 11.55
CA LYS A 371 -2.34 -17.71 12.82
C LYS A 371 -3.13 -19.01 12.73
N ARG A 372 -3.27 -19.51 11.51
CA ARG A 372 -3.99 -20.76 11.27
C ARG A 372 -3.11 -21.97 11.45
N ALA A 373 -1.87 -21.85 10.99
CA ALA A 373 -0.89 -22.93 11.06
C ALA A 373 -0.52 -23.32 12.49
N GLY A 374 -0.81 -22.44 13.45
CA GLY A 374 -0.50 -22.74 14.84
C GLY A 374 0.85 -22.22 15.30
N ASP A 375 0.91 -21.74 16.54
CA ASP A 375 2.13 -21.19 17.11
C ASP A 375 3.20 -22.25 17.31
N SER A 376 3.24 -23.24 16.41
CA SER A 376 4.23 -24.29 16.47
C SER A 376 5.43 -23.86 15.65
N TYR A 377 5.17 -23.06 14.61
CA TYR A 377 6.22 -22.56 13.73
C TYR A 377 6.91 -21.35 14.35
N ILE A 378 6.29 -20.76 15.36
CA ILE A 378 6.83 -19.59 16.05
C ILE A 378 7.55 -19.98 17.33
N GLU A 379 7.39 -21.25 17.71
CA GLU A 379 7.98 -21.80 18.94
C GLU A 379 9.44 -21.42 19.19
N ASN A 380 10.35 -22.10 18.49
CA ASN A 380 11.78 -21.88 18.65
C ASN A 380 12.22 -20.42 18.47
N HIS A 381 11.54 -19.71 17.59
CA HIS A 381 11.88 -18.31 17.30
C HIS A 381 11.85 -17.37 18.49
N SER A 382 12.99 -16.75 18.77
CA SER A 382 13.10 -15.80 19.87
C SER A 382 12.74 -14.43 19.29
N LEU A 383 13.25 -14.17 18.10
CA LEU A 383 13.00 -12.92 17.37
C LEU A 383 12.94 -11.68 18.24
N LYS A 384 13.92 -11.50 19.11
CA LYS A 384 13.97 -10.32 19.96
C LYS A 384 14.54 -9.13 19.19
N SER A 385 14.81 -9.37 17.90
CA SER A 385 15.34 -8.34 17.01
C SER A 385 14.30 -7.26 16.66
N LEU A 386 13.03 -7.62 16.78
CA LEU A 386 11.94 -6.69 16.46
C LEU A 386 11.76 -5.60 17.51
N ARG A 387 11.27 -4.45 17.06
CA ARG A 387 11.05 -3.31 17.93
C ARG A 387 9.67 -2.77 17.68
N CYS A 388 9.13 -3.06 16.49
CA CYS A 388 7.81 -2.56 16.17
C CYS A 388 7.06 -3.48 15.20
N LEU A 389 5.74 -3.53 15.35
CA LEU A 389 4.93 -4.34 14.47
C LEU A 389 3.93 -3.39 13.82
N GLY A 390 3.45 -3.76 12.65
CA GLY A 390 2.50 -2.91 11.97
C GLY A 390 1.50 -3.67 11.13
N SER A 391 0.30 -3.11 11.01
CA SER A 391 -0.75 -3.72 10.22
C SER A 391 -1.29 -2.67 9.25
N VAL A 392 -1.56 -3.10 8.01
CA VAL A 392 -2.07 -2.22 6.97
C VAL A 392 -2.87 -3.02 5.95
N GLY A 393 -3.74 -2.35 5.19
CA GLY A 393 -4.52 -3.04 4.18
C GLY A 393 -6.01 -3.08 4.47
N GLU A 394 -6.38 -3.58 5.64
CA GLU A 394 -7.79 -3.64 6.01
C GLU A 394 -7.97 -3.81 7.51
N PRO A 395 -9.21 -3.69 8.00
CA PRO A 395 -9.46 -3.82 9.44
C PRO A 395 -8.86 -5.08 10.03
N ILE A 396 -8.37 -4.97 11.26
CA ILE A 396 -7.79 -6.13 11.95
C ILE A 396 -8.60 -6.42 13.23
N ALA A 397 -9.24 -7.58 13.25
CA ALA A 397 -10.03 -7.99 14.40
C ALA A 397 -9.20 -7.92 15.68
N ALA A 398 -9.88 -7.97 16.82
CA ALA A 398 -9.20 -7.90 18.11
C ALA A 398 -8.44 -9.18 18.44
N GLU A 399 -9.07 -10.34 18.30
CA GLU A 399 -8.38 -11.59 18.61
C GLU A 399 -7.14 -11.77 17.76
N VAL A 400 -7.18 -11.28 16.52
CA VAL A 400 -6.02 -11.42 15.63
C VAL A 400 -4.96 -10.38 15.98
N TRP A 401 -5.40 -9.26 16.55
CA TRP A 401 -4.50 -8.20 16.96
C TRP A 401 -3.78 -8.71 18.21
N GLU A 402 -4.54 -9.31 19.11
CA GLU A 402 -3.98 -9.87 20.34
C GLU A 402 -2.96 -10.94 19.98
N TRP A 403 -3.39 -11.90 19.17
CA TRP A 403 -2.52 -12.99 18.73
C TRP A 403 -1.21 -12.43 18.18
N TYR A 404 -1.34 -11.36 17.41
CA TYR A 404 -0.20 -10.69 16.79
C TYR A 404 0.64 -10.04 17.90
N SER A 405 -0.05 -9.40 18.84
CA SER A 405 0.59 -8.74 19.97
C SER A 405 1.28 -9.64 20.97
N GLU A 406 0.80 -10.87 21.12
CA GLU A 406 1.37 -11.81 22.08
C GLU A 406 2.33 -12.86 21.54
N LYS A 407 1.98 -13.49 20.43
CA LYS A 407 2.84 -14.52 19.86
C LYS A 407 4.08 -13.91 19.19
N ILE A 408 3.83 -13.03 18.23
CA ILE A 408 4.90 -12.37 17.49
C ILE A 408 5.58 -11.29 18.31
N GLY A 409 4.79 -10.39 18.89
CA GLY A 409 5.35 -9.32 19.68
C GLY A 409 5.86 -9.70 21.06
N LYS A 410 5.57 -10.93 21.51
CA LYS A 410 5.99 -11.37 22.85
C LYS A 410 5.50 -10.31 23.82
N ASN A 411 4.35 -9.72 23.49
CA ASN A 411 3.74 -8.64 24.24
C ASN A 411 4.69 -7.80 25.07
N GLU A 412 5.34 -6.87 24.37
CA GLU A 412 6.28 -5.93 24.97
C GLU A 412 6.79 -4.98 23.88
N ILE A 413 6.17 -5.06 22.70
CA ILE A 413 6.54 -4.21 21.57
C ILE A 413 5.29 -3.65 20.88
N PRO A 414 5.29 -2.35 20.53
CA PRO A 414 4.16 -1.68 19.89
C PRO A 414 3.58 -2.34 18.63
N ILE A 415 2.36 -1.96 18.29
CA ILE A 415 1.67 -2.45 17.10
C ILE A 415 0.89 -1.30 16.47
N VAL A 416 1.40 -0.79 15.34
CA VAL A 416 0.74 0.31 14.66
C VAL A 416 -0.14 -0.20 13.51
N ASP A 417 -1.44 -0.12 13.71
CA ASP A 417 -2.42 -0.53 12.71
C ASP A 417 -2.62 0.75 11.91
N THR A 418 -1.85 0.84 10.84
CA THR A 418 -1.80 2.00 9.94
C THR A 418 -2.92 2.21 8.92
N TYR A 419 -3.76 3.24 9.12
CA TYR A 419 -4.84 3.55 8.18
C TYR A 419 -4.38 4.55 7.10
N TRP A 420 -4.55 4.16 5.84
CA TRP A 420 -4.17 5.04 4.73
C TRP A 420 -4.45 4.38 3.39
N GLN A 421 -4.44 5.20 2.35
CA GLN A 421 -4.75 4.77 0.99
C GLN A 421 -3.66 5.05 -0.04
N THR A 422 -3.86 4.54 -1.26
CA THR A 422 -2.94 4.77 -2.36
C THR A 422 -2.92 6.27 -2.63
N GLU A 423 -4.05 6.93 -2.38
CA GLU A 423 -4.15 8.36 -2.62
C GLU A 423 -3.55 9.17 -1.49
N SER A 424 -3.57 8.61 -0.28
CA SER A 424 -3.04 9.36 0.84
C SER A 424 -1.53 9.43 0.75
N GLY A 425 -0.95 8.48 0.02
CA GLY A 425 0.49 8.45 -0.13
C GLY A 425 1.21 7.89 1.10
N SER A 426 0.80 8.39 2.26
CA SER A 426 1.36 7.99 3.54
C SER A 426 0.26 7.84 4.60
N HIS A 427 0.62 7.31 5.76
CA HIS A 427 -0.36 7.09 6.82
C HIS A 427 -1.34 8.24 7.07
N LEU A 428 -2.63 7.90 7.15
CA LEU A 428 -3.70 8.86 7.39
C LEU A 428 -3.90 8.98 8.90
N VAL A 429 -4.37 7.92 9.54
CA VAL A 429 -4.53 7.93 10.99
C VAL A 429 -3.84 6.65 11.47
N THR A 430 -2.94 6.80 12.43
CA THR A 430 -2.19 5.66 12.94
C THR A 430 -1.64 5.91 14.33
N PRO A 431 -1.27 4.84 15.04
CA PRO A 431 -0.72 4.98 16.40
C PRO A 431 0.77 5.31 16.20
N LEU A 432 1.38 6.00 17.14
CA LEU A 432 2.79 6.32 17.03
C LEU A 432 3.59 5.28 17.83
N ALA A 433 4.61 4.68 17.21
CA ALA A 433 5.41 3.66 17.88
C ALA A 433 5.84 4.05 19.30
N GLY A 434 5.85 5.34 19.59
CA GLY A 434 6.23 5.81 20.92
C GLY A 434 5.40 6.96 21.45
N GLY A 435 5.20 7.98 20.61
CA GLY A 435 4.43 9.17 20.98
C GLY A 435 3.08 8.92 21.64
N VAL A 436 2.33 7.95 21.13
CA VAL A 436 1.02 7.61 21.69
C VAL A 436 1.20 6.43 22.66
N THR A 437 1.00 6.71 23.94
CA THR A 437 1.19 5.69 24.97
C THR A 437 0.17 4.55 24.96
N PRO A 438 -1.12 4.86 24.78
CA PRO A 438 -2.12 3.79 24.75
C PRO A 438 -2.42 3.23 23.36
N MET A 439 -3.16 2.12 23.31
CA MET A 439 -3.51 1.48 22.04
C MET A 439 -4.75 0.59 22.18
N LYS A 440 -5.64 0.66 21.20
CA LYS A 440 -6.86 -0.15 21.21
C LYS A 440 -6.93 -1.07 19.98
N PRO A 441 -6.73 -2.38 20.19
CA PRO A 441 -6.74 -3.47 19.20
C PRO A 441 -7.50 -3.30 17.88
N GLY A 442 -8.62 -2.59 17.89
CA GLY A 442 -9.36 -2.40 16.64
C GLY A 442 -9.29 -0.96 16.14
N SER A 443 -8.53 -0.13 16.84
CA SER A 443 -8.40 1.27 16.48
C SER A 443 -7.06 1.55 15.80
N ALA A 444 -7.01 2.66 15.06
CA ALA A 444 -5.80 3.08 14.38
C ALA A 444 -5.34 4.34 15.11
N SER A 445 -5.84 4.49 16.34
CA SER A 445 -5.51 5.61 17.20
C SER A 445 -5.84 7.02 16.70
N PHE A 446 -4.80 7.79 16.42
CA PHE A 446 -5.01 9.16 16.02
C PHE A 446 -4.50 9.59 14.66
N PRO A 447 -5.10 10.64 14.10
CA PRO A 447 -4.72 11.20 12.80
C PRO A 447 -3.25 11.61 12.81
N PHE A 448 -2.53 11.32 11.72
CA PHE A 448 -1.12 11.67 11.60
C PHE A 448 -1.02 13.19 11.48
N PHE A 449 0.19 13.72 11.60
CA PHE A 449 0.43 15.16 11.52
C PHE A 449 0.07 15.78 10.17
N GLY A 450 -0.74 16.83 10.18
CA GLY A 450 -1.15 17.47 8.95
C GLY A 450 -2.53 17.02 8.50
N ILE A 451 -2.96 15.88 9.03
CA ILE A 451 -4.25 15.31 8.69
C ILE A 451 -5.29 15.74 9.69
N ASP A 452 -6.36 16.37 9.22
CA ASP A 452 -7.42 16.79 10.13
C ASP A 452 -8.59 15.87 9.84
N ALA A 453 -8.62 14.76 10.58
CA ALA A 453 -9.66 13.76 10.43
C ALA A 453 -10.93 14.09 11.19
N VAL A 454 -12.07 14.00 10.51
CA VAL A 454 -13.35 14.25 11.12
C VAL A 454 -14.34 13.21 10.62
N VAL A 455 -15.43 13.02 11.37
CA VAL A 455 -16.46 12.06 11.01
C VAL A 455 -17.69 12.86 10.57
N LEU A 456 -18.18 12.60 9.36
CA LEU A 456 -19.33 13.33 8.84
C LEU A 456 -20.59 12.47 8.79
N ASP A 457 -21.73 13.15 8.64
CA ASP A 457 -23.00 12.47 8.55
C ASP A 457 -23.18 12.13 7.08
N PRO A 458 -23.28 10.83 6.75
CA PRO A 458 -23.46 10.36 5.38
C PRO A 458 -24.71 10.85 4.69
N ASN A 459 -25.74 11.14 5.48
CA ASN A 459 -27.03 11.60 4.97
C ASN A 459 -27.15 13.11 4.96
N THR A 460 -27.37 13.67 6.14
CA THR A 460 -27.55 15.11 6.28
C THR A 460 -26.28 15.93 6.13
N GLY A 461 -25.96 16.25 4.88
CA GLY A 461 -24.80 17.05 4.56
C GLY A 461 -23.48 16.70 5.23
N GLU A 462 -22.52 17.58 5.00
CA GLU A 462 -21.18 17.42 5.56
C GLU A 462 -21.14 18.00 6.97
N GLU A 463 -22.01 17.49 7.84
CA GLU A 463 -22.05 17.95 9.22
C GLU A 463 -20.98 17.19 10.01
N LEU A 464 -20.15 17.92 10.74
CA LEU A 464 -19.09 17.30 11.53
C LEU A 464 -19.67 16.71 12.81
N ASN A 465 -19.58 15.40 12.95
CA ASN A 465 -20.09 14.73 14.15
C ASN A 465 -19.02 14.84 15.23
N THR A 466 -19.38 15.44 16.37
CA THR A 466 -18.42 15.59 17.46
C THR A 466 -18.47 14.45 18.49
N SER A 467 -19.62 14.26 19.11
CA SER A 467 -19.79 13.22 20.12
C SER A 467 -19.61 11.82 19.54
N HIS A 468 -19.32 10.87 20.42
CA HIS A 468 -19.12 9.46 20.04
C HIS A 468 -20.24 9.00 19.10
N ALA A 469 -19.91 8.84 17.82
CA ALA A 469 -20.88 8.41 16.83
C ALA A 469 -20.18 7.87 15.58
N GLU A 470 -20.95 7.15 14.75
CA GLU A 470 -20.41 6.57 13.53
C GLU A 470 -20.82 7.31 12.27
N GLY A 471 -19.87 7.45 11.35
CA GLY A 471 -20.14 8.15 10.11
C GLY A 471 -19.01 8.02 9.10
N VAL A 472 -19.13 8.77 8.01
CA VAL A 472 -18.13 8.75 6.94
C VAL A 472 -16.86 9.50 7.34
N LEU A 473 -15.71 8.94 7.02
CA LEU A 473 -14.44 9.58 7.37
C LEU A 473 -13.99 10.55 6.29
N ALA A 474 -13.36 11.64 6.73
CA ALA A 474 -12.88 12.65 5.82
C ALA A 474 -11.79 13.47 6.48
N VAL A 475 -11.10 14.27 5.67
CA VAL A 475 -10.03 15.12 6.16
C VAL A 475 -10.47 16.52 5.72
N LYS A 476 -10.29 17.51 6.60
CA LYS A 476 -10.71 18.88 6.28
C LYS A 476 -9.77 19.66 5.36
N ALA A 477 -8.46 19.48 5.54
CA ALA A 477 -7.51 20.19 4.70
C ALA A 477 -6.58 19.18 4.08
N ALA A 478 -5.92 19.57 3.00
CA ALA A 478 -5.00 18.67 2.31
C ALA A 478 -3.63 18.71 2.98
N TRP A 479 -2.80 17.74 2.62
CA TRP A 479 -1.45 17.62 3.13
C TRP A 479 -0.49 17.41 1.94
N PRO A 480 0.83 17.37 2.18
CA PRO A 480 1.76 17.18 1.06
C PRO A 480 1.76 15.83 0.33
N SER A 481 1.65 14.73 1.06
CA SER A 481 1.65 13.39 0.43
C SER A 481 0.36 13.00 -0.26
N PHE A 482 -0.59 13.91 -0.36
CA PHE A 482 -1.87 13.63 -1.01
C PHE A 482 -1.74 13.60 -2.52
N ALA A 483 -2.25 12.55 -3.15
CA ALA A 483 -2.19 12.45 -4.60
C ALA A 483 -2.70 13.77 -5.22
N ARG A 484 -2.07 14.22 -6.29
CA ARG A 484 -2.45 15.49 -6.94
C ARG A 484 -3.51 15.38 -8.03
N THR A 485 -3.69 14.19 -8.59
CA THR A 485 -4.69 13.98 -9.64
C THR A 485 -4.76 12.53 -10.09
N ILE A 486 -5.52 12.31 -11.18
CA ILE A 486 -5.69 11.00 -11.81
C ILE A 486 -5.26 11.17 -13.25
N TRP A 487 -4.21 10.44 -13.64
CA TRP A 487 -3.66 10.53 -14.99
C TRP A 487 -4.58 10.85 -16.17
N LYS A 488 -4.34 12.00 -16.80
CA LYS A 488 -5.07 12.47 -17.99
C LYS A 488 -6.53 12.82 -17.83
N ASN A 489 -7.06 12.78 -16.62
CA ASN A 489 -8.43 13.19 -16.45
C ASN A 489 -8.72 13.59 -15.02
N HIS A 490 -8.43 14.85 -14.77
CA HIS A 490 -8.60 15.52 -13.49
C HIS A 490 -10.08 15.59 -13.11
N ASP A 491 -10.94 15.19 -14.04
CA ASP A 491 -12.39 15.23 -13.82
C ASP A 491 -12.83 14.09 -12.88
N ARG A 492 -12.36 12.88 -13.17
CA ARG A 492 -12.70 11.72 -12.34
C ARG A 492 -12.17 11.98 -10.93
N TYR A 493 -11.02 12.64 -10.87
CA TYR A 493 -10.38 12.99 -9.61
C TYR A 493 -11.34 13.79 -8.72
N LEU A 494 -11.89 14.87 -9.27
CA LEU A 494 -12.81 15.74 -8.53
C LEU A 494 -14.08 15.04 -8.05
N ASP A 495 -14.76 14.35 -8.97
CA ASP A 495 -16.00 13.64 -8.69
C ASP A 495 -15.80 12.55 -7.63
N THR A 496 -14.67 11.87 -7.73
CA THR A 496 -14.36 10.77 -6.83
C THR A 496 -13.92 11.16 -5.43
N TYR A 497 -13.02 12.13 -5.35
CA TYR A 497 -12.47 12.53 -4.07
C TYR A 497 -12.91 13.85 -3.45
N LEU A 498 -13.25 14.85 -4.27
CA LEU A 498 -13.62 16.15 -3.71
C LEU A 498 -15.05 16.64 -3.90
N ASN A 499 -15.80 16.04 -4.81
CA ASN A 499 -17.17 16.46 -5.06
C ASN A 499 -18.25 15.77 -4.21
N PRO A 500 -18.00 14.52 -3.78
CA PRO A 500 -19.03 13.85 -2.96
C PRO A 500 -19.37 14.55 -1.64
N TYR A 501 -18.40 15.21 -1.04
CA TYR A 501 -18.60 15.96 0.21
C TYR A 501 -17.79 17.25 0.12
N PRO A 502 -18.29 18.23 -0.66
CA PRO A 502 -17.64 19.52 -0.87
C PRO A 502 -16.94 20.11 0.36
N GLY A 503 -15.69 20.48 0.19
CA GLY A 503 -14.94 21.08 1.29
C GLY A 503 -13.96 20.16 1.98
N TYR A 504 -14.26 18.87 2.01
CA TYR A 504 -13.41 17.89 2.65
C TYR A 504 -12.88 16.90 1.63
N TYR A 505 -12.13 15.92 2.11
CA TYR A 505 -11.62 14.84 1.27
C TYR A 505 -12.43 13.60 1.66
N PHE A 506 -13.00 12.92 0.66
CA PHE A 506 -13.81 11.72 0.87
C PHE A 506 -12.99 10.42 0.84
N THR A 507 -12.69 9.87 2.02
CA THR A 507 -11.91 8.63 2.13
C THR A 507 -12.57 7.41 1.50
N GLY A 508 -13.90 7.33 1.60
CA GLY A 508 -14.59 6.18 1.06
C GLY A 508 -14.93 5.18 2.14
N ASP A 509 -14.47 5.46 3.36
CA ASP A 509 -14.72 4.59 4.50
C ASP A 509 -15.58 5.22 5.59
N GLY A 510 -16.09 4.36 6.48
CA GLY A 510 -16.91 4.82 7.59
C GLY A 510 -16.07 4.71 8.85
N ALA A 511 -16.40 5.50 9.87
CA ALA A 511 -15.65 5.47 11.11
C ALA A 511 -16.41 6.06 12.29
N ALA A 512 -15.73 6.10 13.43
CA ALA A 512 -16.32 6.66 14.63
C ALA A 512 -15.22 6.85 15.66
N LYS A 513 -15.34 7.91 16.44
CA LYS A 513 -14.36 8.21 17.48
C LYS A 513 -14.95 7.82 18.83
N ASP A 514 -14.25 7.01 19.60
CA ASP A 514 -14.75 6.60 20.90
C ASP A 514 -14.62 7.73 21.92
N LYS A 515 -15.16 7.51 23.11
CA LYS A 515 -15.12 8.51 24.18
C LYS A 515 -13.74 9.14 24.31
N ASP A 516 -12.72 8.29 24.25
CA ASP A 516 -11.34 8.76 24.39
C ASP A 516 -10.69 9.34 23.13
N GLY A 517 -11.48 9.50 22.06
CA GLY A 517 -10.93 10.07 20.83
C GLY A 517 -10.36 9.12 19.78
N TYR A 518 -10.03 7.90 20.16
CA TYR A 518 -9.48 6.96 19.19
C TYR A 518 -10.40 6.88 17.98
N ILE A 519 -9.86 6.50 16.84
CA ILE A 519 -10.67 6.38 15.63
C ILE A 519 -10.75 4.93 15.22
N TRP A 520 -11.95 4.49 14.88
CA TRP A 520 -12.20 3.11 14.47
C TRP A 520 -12.70 3.09 13.04
N ILE A 521 -11.94 2.40 12.19
CA ILE A 521 -12.29 2.26 10.79
C ILE A 521 -13.37 1.18 10.67
N LEU A 522 -14.52 1.55 10.10
CA LEU A 522 -15.64 0.64 9.96
C LEU A 522 -15.64 -0.23 8.70
N GLY A 523 -14.66 -0.04 7.83
CA GLY A 523 -14.58 -0.87 6.63
C GLY A 523 -15.22 -0.43 5.31
N ARG A 524 -15.06 0.83 4.94
CA ARG A 524 -15.63 1.31 3.68
C ARG A 524 -17.15 1.23 3.63
N VAL A 525 -17.79 2.36 3.92
CA VAL A 525 -19.24 2.44 3.93
C VAL A 525 -19.87 2.33 2.54
N ASP A 526 -19.16 1.65 1.64
CA ASP A 526 -19.65 1.43 0.30
C ASP A 526 -20.16 0.00 0.24
N ASP A 527 -19.80 -0.77 1.27
CA ASP A 527 -20.21 -2.16 1.41
C ASP A 527 -21.13 -2.30 2.61
N VAL A 528 -21.62 -1.16 3.10
CA VAL A 528 -22.52 -1.15 4.25
C VAL A 528 -23.91 -1.65 3.89
N VAL A 529 -24.38 -2.67 4.61
CA VAL A 529 -25.70 -3.24 4.39
C VAL A 529 -26.72 -2.51 5.26
N ASN A 530 -27.57 -1.72 4.61
CA ASN A 530 -28.59 -0.94 5.29
C ASN A 530 -29.88 -1.74 5.46
N VAL A 531 -30.05 -2.34 6.64
CA VAL A 531 -31.23 -3.12 6.93
C VAL A 531 -32.24 -2.26 7.70
N SER A 532 -33.33 -1.90 7.02
CA SER A 532 -34.37 -1.06 7.63
C SER A 532 -33.75 0.22 8.18
N GLY A 533 -33.05 0.94 7.32
CA GLY A 533 -32.42 2.19 7.72
C GLY A 533 -31.53 2.06 8.94
N HIS A 534 -30.47 1.27 8.83
CA HIS A 534 -29.55 1.08 9.93
C HIS A 534 -28.08 1.21 9.54
N ARG A 535 -27.79 1.05 8.24
CA ARG A 535 -26.42 1.17 7.75
C ARG A 535 -25.48 0.32 8.60
N LEU A 536 -25.21 -0.90 8.14
CA LEU A 536 -24.34 -1.80 8.88
C LEU A 536 -22.95 -1.91 8.26
N SER A 537 -21.95 -1.39 8.95
CA SER A 537 -20.57 -1.45 8.47
C SER A 537 -20.07 -2.88 8.64
N THR A 538 -19.22 -3.34 7.73
CA THR A 538 -18.70 -4.70 7.76
C THR A 538 -17.67 -5.01 8.86
N ALA A 539 -16.81 -4.04 9.19
CA ALA A 539 -15.78 -4.25 10.19
C ALA A 539 -16.27 -5.00 11.43
N GLU A 540 -17.24 -4.41 12.12
CA GLU A 540 -17.81 -4.96 13.34
C GLU A 540 -18.44 -6.34 13.22
N ILE A 541 -19.35 -6.50 12.26
CA ILE A 541 -20.03 -7.77 12.06
C ILE A 541 -19.13 -8.95 11.69
N GLU A 542 -18.18 -8.72 10.78
CA GLU A 542 -17.27 -9.77 10.33
C GLU A 542 -16.21 -10.16 11.36
N ALA A 543 -15.65 -9.17 12.04
CA ALA A 543 -14.65 -9.43 13.07
C ALA A 543 -15.23 -10.32 14.15
N ALA A 544 -16.47 -10.02 14.53
CA ALA A 544 -17.16 -10.79 15.56
C ALA A 544 -17.38 -12.22 15.08
N ILE A 545 -17.54 -12.39 13.77
CA ILE A 545 -17.75 -13.70 13.20
C ILE A 545 -16.45 -14.51 13.23
N ILE A 546 -15.44 -14.03 12.51
CA ILE A 546 -14.15 -14.70 12.46
C ILE A 546 -13.67 -15.02 13.87
N GLU A 547 -14.04 -14.17 14.82
CA GLU A 547 -13.65 -14.35 16.22
C GLU A 547 -14.43 -15.50 16.83
N ASP A 548 -14.60 -16.57 16.06
CA ASP A 548 -15.28 -17.77 16.51
C ASP A 548 -14.44 -18.96 16.05
N PRO A 549 -14.10 -19.87 16.97
CA PRO A 549 -13.29 -21.05 16.67
C PRO A 549 -13.71 -21.81 15.41
N ILE A 550 -14.98 -21.68 15.03
CA ILE A 550 -15.51 -22.36 13.85
C ILE A 550 -15.05 -21.75 12.53
N VAL A 551 -14.65 -20.48 12.56
CA VAL A 551 -14.22 -19.80 11.34
C VAL A 551 -12.85 -19.13 11.48
N ALA A 552 -12.28 -18.71 10.36
CA ALA A 552 -10.99 -18.04 10.34
C ALA A 552 -10.98 -16.93 9.30
N GLU A 553 -12.15 -16.63 8.74
CA GLU A 553 -12.29 -15.59 7.72
C GLU A 553 -13.77 -15.43 7.38
N CYS A 554 -14.24 -14.19 7.33
CA CYS A 554 -15.64 -13.91 7.04
C CYS A 554 -15.82 -12.73 6.08
N ALA A 555 -16.92 -12.73 5.34
CA ALA A 555 -17.22 -11.66 4.39
C ALA A 555 -18.72 -11.39 4.24
N VAL A 556 -19.19 -10.30 4.84
CA VAL A 556 -20.61 -9.94 4.77
C VAL A 556 -20.85 -8.95 3.63
N VAL A 557 -21.86 -9.22 2.81
CA VAL A 557 -22.18 -8.36 1.69
C VAL A 557 -23.68 -8.17 1.49
N GLY A 558 -24.09 -8.04 0.22
CA GLY A 558 -25.49 -7.85 -0.10
C GLY A 558 -25.78 -8.19 -1.55
N PHE A 559 -26.96 -7.82 -2.03
CA PHE A 559 -27.35 -8.11 -3.41
C PHE A 559 -28.65 -7.36 -3.73
N ASN A 560 -28.97 -7.21 -5.01
CA ASN A 560 -30.18 -6.52 -5.43
C ASN A 560 -31.39 -7.01 -4.63
N ASP A 561 -31.80 -6.23 -3.63
CA ASP A 561 -32.93 -6.61 -2.79
C ASP A 561 -34.05 -5.57 -2.84
N ASP A 562 -35.24 -6.02 -3.20
CA ASP A 562 -36.41 -5.15 -3.30
C ASP A 562 -37.03 -4.85 -1.94
N LEU A 563 -37.70 -5.85 -1.36
CA LEU A 563 -38.35 -5.71 -0.06
C LEU A 563 -37.34 -5.75 1.09
N THR A 564 -37.80 -5.46 2.30
CA THR A 564 -36.96 -5.46 3.50
C THR A 564 -35.88 -4.39 3.44
N GLY A 565 -35.68 -3.82 2.25
CA GLY A 565 -34.66 -2.81 2.07
C GLY A 565 -33.39 -3.43 1.54
N GLN A 566 -32.73 -4.21 2.39
CA GLN A 566 -31.49 -4.89 2.01
C GLN A 566 -31.13 -5.86 3.12
N ALA A 567 -30.94 -7.13 2.77
CA ALA A 567 -30.62 -8.15 3.76
C ALA A 567 -29.13 -8.35 3.99
N VAL A 568 -28.82 -9.05 5.08
CA VAL A 568 -27.45 -9.34 5.47
C VAL A 568 -27.12 -10.80 5.19
N ALA A 569 -26.22 -11.02 4.23
CA ALA A 569 -25.80 -12.38 3.86
C ALA A 569 -24.31 -12.47 4.09
N ALA A 570 -23.89 -13.49 4.83
CA ALA A 570 -22.47 -13.65 5.12
C ALA A 570 -21.85 -14.90 4.51
N PHE A 571 -20.77 -14.71 3.76
CA PHE A 571 -20.05 -15.82 3.15
C PHE A 571 -19.00 -16.28 4.15
N VAL A 572 -19.31 -17.33 4.90
CA VAL A 572 -18.41 -17.86 5.91
C VAL A 572 -17.52 -18.98 5.42
N VAL A 573 -16.26 -18.97 5.85
CA VAL A 573 -15.30 -20.00 5.46
C VAL A 573 -14.69 -20.64 6.71
N LEU A 574 -14.95 -21.93 6.88
CA LEU A 574 -14.46 -22.67 8.04
C LEU A 574 -12.96 -22.95 8.03
N LYS A 575 -12.39 -23.10 9.21
CA LYS A 575 -10.96 -23.35 9.37
C LYS A 575 -10.55 -24.76 8.92
N LEU A 588 -23.63 -31.53 10.26
CA LEU A 588 -24.01 -31.06 8.94
C LEU A 588 -25.39 -30.42 8.99
N GLN A 589 -25.58 -29.49 9.94
CA GLN A 589 -26.85 -28.80 10.11
C GLN A 589 -26.79 -27.83 11.30
N ASP A 590 -27.72 -26.87 11.31
CA ASP A 590 -27.81 -25.88 12.39
C ASP A 590 -26.47 -25.22 12.70
N ILE A 591 -25.53 -25.29 11.75
CA ILE A 591 -24.23 -24.67 11.96
C ILE A 591 -24.35 -23.18 11.67
N LYS A 592 -25.31 -22.84 10.80
CA LYS A 592 -25.53 -21.44 10.44
C LYS A 592 -26.16 -20.71 11.62
N LYS A 593 -27.30 -21.22 12.08
CA LYS A 593 -28.03 -20.63 13.19
C LYS A 593 -27.11 -20.13 14.31
N HIS A 594 -26.16 -20.97 14.72
CA HIS A 594 -25.25 -20.57 15.78
C HIS A 594 -24.62 -19.21 15.44
N LEU A 595 -23.82 -19.18 14.38
CA LEU A 595 -23.17 -17.96 13.94
C LEU A 595 -24.17 -16.81 13.83
N VAL A 596 -25.45 -17.12 13.78
CA VAL A 596 -26.48 -16.09 13.69
C VAL A 596 -26.88 -15.61 15.09
N PHE A 597 -27.07 -16.54 16.01
CA PHE A 597 -27.46 -16.20 17.37
C PHE A 597 -26.31 -15.51 18.09
N THR A 598 -25.10 -15.67 17.56
CA THR A 598 -23.93 -15.05 18.16
C THR A 598 -23.81 -13.62 17.66
N VAL A 599 -24.36 -13.35 16.47
CA VAL A 599 -24.32 -12.01 15.91
C VAL A 599 -25.21 -11.10 16.74
N ARG A 600 -26.37 -11.63 17.15
CA ARG A 600 -27.32 -10.86 17.94
C ARG A 600 -26.82 -10.77 19.38
N LYS A 601 -26.08 -11.78 19.82
CA LYS A 601 -25.55 -11.84 21.17
C LYS A 601 -24.70 -10.63 21.56
N ASP A 602 -23.89 -10.12 20.63
CA ASP A 602 -23.03 -8.97 20.92
C ASP A 602 -23.23 -7.73 20.05
N ILE A 603 -23.78 -7.91 18.85
CA ILE A 603 -24.00 -6.79 17.95
C ILE A 603 -25.47 -6.37 17.90
N GLY A 604 -26.36 -7.33 17.70
CA GLY A 604 -27.78 -7.04 17.64
C GLY A 604 -28.55 -7.97 16.72
N PRO A 605 -29.85 -8.16 16.97
CA PRO A 605 -30.70 -9.04 16.16
C PRO A 605 -31.02 -8.49 14.76
N PHE A 606 -30.74 -7.21 14.57
CA PHE A 606 -30.99 -6.56 13.28
C PHE A 606 -29.68 -6.49 12.49
N ALA A 607 -28.69 -7.24 12.95
CA ALA A 607 -27.39 -7.30 12.30
C ALA A 607 -27.12 -8.76 11.94
N ALA A 608 -27.81 -9.67 12.61
CA ALA A 608 -27.68 -11.09 12.34
C ALA A 608 -28.10 -11.32 10.89
N PRO A 609 -27.22 -11.92 10.09
CA PRO A 609 -27.50 -12.21 8.68
C PRO A 609 -28.75 -13.06 8.42
N LYS A 610 -29.39 -12.82 7.28
CA LYS A 610 -30.58 -13.56 6.88
C LYS A 610 -30.19 -14.86 6.20
N LEU A 611 -28.90 -15.00 5.87
CA LEU A 611 -28.40 -16.19 5.21
C LEU A 611 -26.88 -16.21 5.14
N ILE A 612 -26.28 -17.31 5.59
CA ILE A 612 -24.84 -17.44 5.54
C ILE A 612 -24.47 -18.51 4.52
N ILE A 613 -23.49 -18.20 3.68
CA ILE A 613 -23.04 -19.13 2.65
C ILE A 613 -21.68 -19.69 3.04
N LEU A 614 -21.54 -21.01 2.97
CA LEU A 614 -20.30 -21.68 3.33
C LEU A 614 -19.39 -21.86 2.13
N VAL A 615 -18.34 -21.04 2.04
CA VAL A 615 -17.39 -21.11 0.94
C VAL A 615 -15.98 -21.48 1.43
N ASP A 616 -15.16 -22.00 0.53
CA ASP A 616 -13.79 -22.39 0.87
C ASP A 616 -12.84 -21.22 1.03
N ASP A 617 -13.08 -20.14 0.29
CA ASP A 617 -12.26 -18.94 0.39
C ASP A 617 -13.01 -17.75 -0.18
N LEU A 618 -12.34 -16.61 -0.29
CA LEU A 618 -12.98 -15.41 -0.80
C LEU A 618 -12.17 -14.76 -1.93
N PRO A 619 -12.85 -14.16 -2.92
CA PRO A 619 -12.20 -13.51 -4.04
C PRO A 619 -11.37 -12.31 -3.56
N LYS A 620 -10.05 -12.46 -3.57
CA LYS A 620 -9.16 -11.41 -3.10
C LYS A 620 -8.21 -10.86 -4.15
N THR A 621 -7.72 -9.65 -3.90
CA THR A 621 -6.77 -8.98 -4.79
C THR A 621 -5.36 -9.30 -4.33
N ARG A 622 -4.43 -9.33 -5.29
CA ARG A 622 -3.02 -9.60 -5.02
C ARG A 622 -2.54 -8.82 -3.79
N SER A 623 -3.28 -7.76 -3.44
CA SER A 623 -2.96 -6.91 -2.30
C SER A 623 -3.38 -7.56 -0.98
N GLY A 624 -4.48 -8.31 -1.03
CA GLY A 624 -4.97 -8.98 0.17
C GLY A 624 -6.42 -8.68 0.47
N LYS A 625 -6.86 -7.48 0.12
CA LYS A 625 -8.23 -7.03 0.35
C LYS A 625 -9.27 -8.00 -0.21
N ILE A 626 -10.38 -8.15 0.52
CA ILE A 626 -11.46 -9.04 0.11
C ILE A 626 -12.40 -8.29 -0.83
N MET A 627 -12.67 -8.86 -1.99
CA MET A 627 -13.54 -8.22 -2.97
C MET A 627 -15.01 -8.52 -2.71
N ARG A 628 -15.61 -7.75 -1.82
CA ARG A 628 -17.02 -7.93 -1.49
C ARG A 628 -17.95 -7.45 -2.59
N ARG A 629 -17.49 -6.50 -3.41
CA ARG A 629 -18.31 -5.98 -4.50
C ARG A 629 -18.57 -7.06 -5.54
N ILE A 630 -17.80 -8.15 -5.44
CA ILE A 630 -17.94 -9.30 -6.31
C ILE A 630 -19.03 -10.20 -5.72
N LEU A 631 -19.04 -10.27 -4.39
CA LEU A 631 -20.03 -11.08 -3.68
C LEU A 631 -21.38 -10.38 -3.86
N ARG A 632 -21.33 -9.06 -3.96
CA ARG A 632 -22.55 -8.28 -4.16
C ARG A 632 -22.95 -8.47 -5.63
N LYS A 633 -22.37 -7.64 -6.50
CA LYS A 633 -22.63 -7.67 -7.93
C LYS A 633 -23.49 -8.86 -8.31
N ILE A 634 -22.90 -10.04 -8.16
CA ILE A 634 -23.59 -11.30 -8.41
C ILE A 634 -23.22 -12.19 -7.23
N LEU A 635 -23.98 -13.23 -6.97
CA LEU A 635 -23.69 -14.12 -5.86
C LEU A 635 -22.49 -15.00 -6.19
N ALA A 636 -21.40 -14.35 -6.58
CA ALA A 636 -20.15 -15.03 -6.93
C ALA A 636 -19.15 -14.03 -7.50
N ASN A 650 -12.10 -15.53 -15.35
CA ASN A 650 -12.70 -15.69 -14.03
C ASN A 650 -12.01 -16.80 -13.24
N PRO A 651 -11.20 -16.44 -12.22
CA PRO A 651 -10.49 -17.41 -11.39
C PRO A 651 -11.39 -18.54 -10.90
N GLY A 652 -10.79 -19.59 -10.35
CA GLY A 652 -11.56 -20.72 -9.87
C GLY A 652 -12.53 -20.32 -8.78
N ILE A 653 -12.21 -19.25 -8.06
CA ILE A 653 -13.06 -18.78 -6.98
C ILE A 653 -14.47 -18.48 -7.48
N VAL A 654 -14.57 -18.03 -8.72
CA VAL A 654 -15.85 -17.68 -9.33
C VAL A 654 -16.85 -18.84 -9.42
N ARG A 655 -16.52 -19.84 -10.23
CA ARG A 655 -17.41 -20.99 -10.42
C ARG A 655 -17.90 -21.58 -9.10
N HIS A 656 -16.96 -21.93 -8.23
CA HIS A 656 -17.32 -22.51 -6.93
C HIS A 656 -18.22 -21.55 -6.16
N LEU A 657 -18.05 -20.26 -6.40
CA LEU A 657 -18.88 -19.25 -5.74
C LEU A 657 -20.18 -19.05 -6.52
N ILE A 658 -20.21 -19.58 -7.74
CA ILE A 658 -21.38 -19.47 -8.61
C ILE A 658 -22.34 -20.61 -8.26
N ASP A 659 -21.85 -21.60 -7.54
CA ASP A 659 -22.66 -22.73 -7.14
C ASP A 659 -23.02 -22.70 -5.65
N SER A 660 -22.08 -22.24 -4.84
CA SER A 660 -22.30 -22.15 -3.40
C SER A 660 -23.38 -21.15 -3.04
N VAL A 661 -24.12 -20.69 -4.04
CA VAL A 661 -25.20 -19.73 -3.81
C VAL A 661 -26.52 -20.21 -4.39
N LYS A 662 -26.45 -20.93 -5.51
CA LYS A 662 -27.65 -21.46 -6.14
C LYS A 662 -28.39 -22.39 -5.19
N LEU A 663 -27.65 -23.31 -4.59
CA LEU A 663 -28.21 -24.28 -3.65
C LEU A 663 -28.21 -23.72 -2.23
#